data_2ONR
#
_entry.id   2ONR
#
_cell.length_a   75.845
_cell.length_b   75.845
_cell.length_c   115.000
_cell.angle_alpha   90.000
_cell.angle_beta   90.000
_cell.angle_gamma   90.000
#
_symmetry.space_group_name_H-M   'P 41 21 2'
#
loop_
_entity.id
_entity.type
_entity.pdbx_description
1 polymer 'UPF0100 protein AF_0094'
2 non-polymer 'NITRATE ION'
3 non-polymer 'MAGNESIUM ION'
4 non-polymer 'MOLYBDATE ION'
5 water water
#
_entity_poly.entity_id   1
_entity_poly.type   'polypeptide(L)'
_entity_poly.pdbx_seq_one_letter_code
;GHMNVKLKVFHAGSLTEPMKAFKRAFEEKHPNVEVQTEAAGSAATIRKVTELGRKADVIATADYTLIQKMMYPEFANWTI
MFAKNQIVLAYRNDSRYADEINSQNWYEILKRPDVRFGFSNPNDDPCGYRSLMAIQLAELYYNDPTIFDELVAKNSNLRF
SEDNGSYVLRMPSSERIEINKSKIMIRSMEMELIHLVESGELDYFFIYKSVAKQHGFNFVELPVEIDLSSPDYAELYSKV
KVVLANGKEVTGKPIVYGITIPKNAENRELAVEFVKLVISEEGQEILRELGQEPLVPPRADTAVPSLKAMVEVS
;
_entity_poly.pdbx_strand_id   A
#
# COMPACT_ATOMS: atom_id res chain seq x y z
N GLY A 1 -2.92 -30.73 15.50
CA GLY A 1 -1.95 -31.67 16.19
C GLY A 1 -0.54 -31.46 15.67
N HIS A 2 0.38 -32.35 16.00
CA HIS A 2 1.75 -32.16 15.54
C HIS A 2 1.90 -32.33 14.02
N MET A 3 0.81 -32.73 13.36
CA MET A 3 0.79 -32.88 11.90
C MET A 3 -0.03 -31.75 11.23
N ASN A 4 -0.07 -30.59 11.88
CA ASN A 4 -0.80 -29.44 11.37
C ASN A 4 -0.05 -28.20 11.68
N VAL A 5 0.78 -27.78 10.73
CA VAL A 5 1.60 -26.61 10.86
C VAL A 5 0.83 -25.38 10.41
N LYS A 6 0.96 -24.28 11.16
CA LYS A 6 0.29 -23.01 10.83
C LYS A 6 1.28 -21.96 10.36
N LEU A 7 1.26 -21.61 9.08
CA LEU A 7 2.16 -20.58 8.57
C LEU A 7 1.48 -19.24 8.71
N LYS A 8 2.06 -18.35 9.51
CA LYS A 8 1.45 -17.07 9.78
C LYS A 8 1.93 -15.99 8.81
N VAL A 9 1.00 -15.43 8.04
CA VAL A 9 1.38 -14.42 7.05
C VAL A 9 0.61 -13.14 7.33
N PHE A 10 1.31 -12.10 7.80
CA PHE A 10 0.67 -10.80 8.08
C PHE A 10 0.99 -9.92 6.86
N HIS A 11 -0.05 -9.32 6.28
CA HIS A 11 0.15 -8.57 5.03
C HIS A 11 -0.70 -7.32 4.86
N ALA A 12 -0.20 -6.48 3.98
CA ALA A 12 -0.85 -5.25 3.52
C ALA A 12 -2.29 -5.56 3.10
N GLY A 13 -3.18 -4.65 3.40
CA GLY A 13 -4.57 -4.87 3.00
C GLY A 13 -4.74 -5.09 1.50
N SER A 14 -4.01 -4.35 0.67
CA SER A 14 -4.19 -4.51 -0.76
C SER A 14 -3.73 -5.86 -1.27
N LEU A 15 -3.07 -6.65 -0.42
CA LEU A 15 -2.69 -7.99 -0.85
C LEU A 15 -3.73 -9.02 -0.46
N THR A 16 -4.91 -8.57 -0.01
CA THR A 16 -5.92 -9.53 0.45
C THR A 16 -6.37 -10.53 -0.63
N GLU A 17 -6.69 -10.06 -1.84
CA GLU A 17 -7.12 -11.02 -2.86
C GLU A 17 -5.97 -11.92 -3.31
N PRO A 18 -4.76 -11.37 -3.56
CA PRO A 18 -3.66 -12.25 -3.96
C PRO A 18 -3.38 -13.31 -2.88
N MET A 19 -3.46 -12.91 -1.60
CA MET A 19 -3.17 -13.84 -0.52
C MET A 19 -4.14 -15.00 -0.45
N LYS A 20 -5.39 -14.78 -0.84
CA LYS A 20 -6.36 -15.87 -0.86
C LYS A 20 -5.87 -16.91 -1.86
N ALA A 21 -5.36 -16.44 -2.99
CA ALA A 21 -4.85 -17.31 -4.04
C ALA A 21 -3.53 -17.96 -3.63
N PHE A 22 -2.63 -17.20 -2.98
CA PHE A 22 -1.37 -17.82 -2.56
C PHE A 22 -1.62 -18.90 -1.51
N LYS A 23 -2.55 -18.62 -0.59
CA LYS A 23 -2.93 -19.58 0.44
C LYS A 23 -3.47 -20.87 -0.18
N ARG A 24 -4.35 -20.74 -1.17
CA ARG A 24 -4.91 -21.93 -1.77
C ARG A 24 -3.86 -22.73 -2.53
N ALA A 25 -2.99 -22.03 -3.28
CA ALA A 25 -1.94 -22.71 -4.03
C ALA A 25 -0.96 -23.38 -3.10
N PHE A 26 -0.61 -22.70 -2.02
CA PHE A 26 0.36 -23.25 -1.09
C PHE A 26 -0.17 -24.48 -0.37
N GLU A 27 -1.42 -24.41 0.06
CA GLU A 27 -2.03 -25.52 0.78
C GLU A 27 -2.24 -26.74 -0.11
N GLU A 28 -2.37 -26.52 -1.41
CA GLU A 28 -2.56 -27.61 -2.35
C GLU A 28 -1.26 -28.41 -2.38
N LYS A 29 -0.13 -27.72 -2.27
CA LYS A 29 1.18 -28.35 -2.28
C LYS A 29 1.63 -28.83 -0.90
N HIS A 30 1.05 -28.26 0.16
CA HIS A 30 1.41 -28.64 1.54
C HIS A 30 0.10 -28.88 2.28
N PRO A 31 -0.56 -30.01 2.02
CA PRO A 31 -1.84 -30.38 2.63
C PRO A 31 -1.93 -30.35 4.15
N ASN A 32 -0.80 -30.45 4.85
CA ASN A 32 -0.81 -30.45 6.30
C ASN A 32 -0.59 -29.04 6.86
N VAL A 33 -0.55 -28.05 5.98
CA VAL A 33 -0.31 -26.69 6.42
C VAL A 33 -1.50 -25.77 6.24
N GLU A 34 -1.77 -24.98 7.26
CA GLU A 34 -2.80 -23.97 7.15
C GLU A 34 -2.09 -22.61 7.12
N VAL A 35 -2.28 -21.88 6.02
CA VAL A 35 -1.70 -20.54 5.93
C VAL A 35 -2.72 -19.60 6.59
N GLN A 36 -2.30 -18.99 7.68
CA GLN A 36 -3.17 -18.08 8.42
C GLN A 36 -2.78 -16.67 8.01
N THR A 37 -3.66 -16.05 7.24
CA THR A 37 -3.40 -14.70 6.74
C THR A 37 -4.15 -13.64 7.55
N GLU A 38 -3.54 -12.46 7.71
CA GLU A 38 -4.17 -11.35 8.42
C GLU A 38 -3.83 -10.10 7.66
N ALA A 39 -4.84 -9.31 7.34
CA ALA A 39 -4.67 -8.07 6.62
C ALA A 39 -4.71 -6.86 7.54
N ALA A 40 -3.82 -5.89 7.29
CA ALA A 40 -3.80 -4.63 8.01
C ALA A 40 -2.91 -3.67 7.22
N GLY A 41 -3.05 -2.36 7.44
CA GLY A 41 -2.18 -1.41 6.75
C GLY A 41 -0.74 -1.86 6.97
N SER A 42 0.15 -1.64 6.01
CA SER A 42 1.50 -2.20 6.17
C SER A 42 2.26 -1.80 7.41
N ALA A 43 2.16 -0.54 7.84
CA ALA A 43 2.88 -0.16 9.05
C ALA A 43 2.27 -0.84 10.27
N ALA A 44 0.93 -0.95 10.32
CA ALA A 44 0.29 -1.66 11.42
C ALA A 44 0.63 -3.15 11.38
N THR A 45 0.73 -3.70 10.17
CA THR A 45 1.11 -5.10 10.00
C THR A 45 2.49 -5.33 10.61
N ILE A 46 3.42 -4.44 10.30
CA ILE A 46 4.79 -4.59 10.81
C ILE A 46 4.80 -4.44 12.32
N ARG A 47 3.99 -3.52 12.86
CA ARG A 47 3.97 -3.34 14.32
C ARG A 47 3.51 -4.58 15.07
N LYS A 48 2.77 -5.47 14.41
CA LYS A 48 2.35 -6.69 15.09
C LYS A 48 3.59 -7.44 15.56
N VAL A 49 4.64 -7.38 14.74
CA VAL A 49 5.90 -8.05 15.04
C VAL A 49 6.87 -7.17 15.81
N THR A 50 6.99 -5.91 15.42
CA THR A 50 7.97 -5.06 16.06
C THR A 50 7.57 -4.44 17.37
N GLU A 51 6.26 -4.38 17.66
CA GLU A 51 5.83 -3.76 18.91
C GLU A 51 4.89 -4.58 19.76
N LEU A 52 4.06 -5.41 19.14
CA LEU A 52 3.11 -6.23 19.86
C LEU A 52 3.60 -7.61 20.28
N GLY A 53 4.82 -7.96 19.88
CA GLY A 53 5.40 -9.24 20.28
C GLY A 53 4.86 -10.48 19.62
N ARG A 54 4.11 -10.31 18.52
CA ARG A 54 3.55 -11.47 17.83
C ARG A 54 4.59 -12.01 16.86
N LYS A 55 4.47 -13.29 16.52
CA LYS A 55 5.41 -13.88 15.59
C LYS A 55 4.72 -14.22 14.29
N ALA A 56 5.30 -13.75 13.21
CA ALA A 56 4.80 -14.03 11.89
C ALA A 56 5.91 -14.75 11.16
N ASP A 57 5.52 -15.62 10.23
CA ASP A 57 6.49 -16.32 9.40
C ASP A 57 6.84 -15.54 8.14
N VAL A 58 5.90 -14.72 7.68
CA VAL A 58 6.10 -13.93 6.46
C VAL A 58 5.42 -12.58 6.72
N ILE A 59 6.10 -11.51 6.35
CA ILE A 59 5.55 -10.14 6.42
C ILE A 59 5.58 -9.62 4.98
N ALA A 60 4.43 -9.14 4.46
CA ALA A 60 4.38 -8.62 3.09
C ALA A 60 3.79 -7.22 3.16
N THR A 61 4.47 -6.24 2.61
N THR A 61 4.50 -6.26 2.59
CA THR A 61 3.97 -4.88 2.67
CA THR A 61 4.12 -4.86 2.64
C THR A 61 3.77 -4.31 1.29
C THR A 61 3.89 -4.23 1.27
N ALA A 62 3.04 -3.19 1.24
CA ALA A 62 2.78 -2.51 -0.01
C ALA A 62 3.90 -1.53 -0.33
N ASP A 63 4.80 -1.32 0.64
CA ASP A 63 5.96 -0.45 0.42
C ASP A 63 7.15 -1.18 1.06
N TYR A 64 8.06 -1.68 0.23
CA TYR A 64 9.19 -2.42 0.76
C TYR A 64 10.03 -1.59 1.70
N THR A 65 10.01 -0.26 1.54
CA THR A 65 10.88 0.51 2.43
C THR A 65 10.44 0.49 3.87
N LEU A 66 9.18 0.14 4.15
CA LEU A 66 8.75 0.09 5.55
C LEU A 66 9.41 -1.10 6.24
N ILE A 67 9.63 -2.19 5.53
CA ILE A 67 10.31 -3.33 6.14
C ILE A 67 11.71 -2.85 6.53
N GLN A 68 12.39 -2.18 5.61
CA GLN A 68 13.73 -1.70 5.90
C GLN A 68 13.77 -0.72 7.07
N LYS A 69 12.91 0.28 7.03
CA LYS A 69 12.89 1.31 8.07
C LYS A 69 12.39 0.86 9.43
N MET A 70 11.42 -0.06 9.44
CA MET A 70 10.84 -0.48 10.71
C MET A 70 11.33 -1.80 11.28
N MET A 71 11.92 -2.66 10.46
CA MET A 71 12.34 -3.96 10.94
C MET A 71 13.83 -4.21 11.02
N TYR A 72 14.63 -3.43 10.29
CA TYR A 72 16.06 -3.66 10.33
C TYR A 72 16.67 -2.96 11.54
N PRO A 73 17.57 -3.63 12.26
CA PRO A 73 18.10 -4.99 12.03
C PRO A 73 17.55 -6.02 13.01
N GLU A 74 16.74 -5.57 13.96
CA GLU A 74 16.23 -6.47 15.00
C GLU A 74 15.29 -7.56 14.57
N PHE A 75 14.41 -7.26 13.62
CA PHE A 75 13.42 -8.23 13.18
C PHE A 75 13.52 -8.73 11.74
N ALA A 76 14.41 -8.14 10.95
CA ALA A 76 14.60 -8.62 9.57
C ALA A 76 15.90 -8.08 9.07
N ASN A 77 16.42 -8.69 8.02
CA ASN A 77 17.64 -8.21 7.45
C ASN A 77 17.74 -8.32 5.94
N TRP A 78 16.60 -8.52 5.29
CA TRP A 78 16.54 -8.54 3.84
C TRP A 78 15.08 -8.37 3.44
N THR A 79 14.88 -7.85 2.23
CA THR A 79 13.57 -7.64 1.65
C THR A 79 13.58 -8.01 0.18
N ILE A 80 12.55 -8.74 -0.26
CA ILE A 80 12.44 -9.07 -1.68
C ILE A 80 11.30 -8.21 -2.24
N MET A 81 11.55 -7.57 -3.39
N MET A 81 11.56 -7.62 -3.40
CA MET A 81 10.56 -6.70 -4.04
CA MET A 81 10.59 -6.75 -4.09
C MET A 81 9.86 -7.54 -5.12
C MET A 81 9.86 -7.66 -5.07
N PHE A 82 8.53 -7.67 -5.03
CA PHE A 82 7.80 -8.58 -5.90
C PHE A 82 6.58 -8.13 -6.66
N ALA A 83 6.14 -6.89 -6.43
CA ALA A 83 4.97 -6.41 -7.17
C ALA A 83 4.95 -4.91 -7.19
N LYS A 84 4.11 -4.37 -8.06
CA LYS A 84 3.97 -2.92 -8.21
C LYS A 84 2.49 -2.53 -8.09
N ASN A 85 2.22 -1.24 -8.17
CA ASN A 85 0.83 -0.78 -8.18
C ASN A 85 0.77 0.65 -8.65
N GLN A 86 -0.44 1.23 -8.58
CA GLN A 86 -0.67 2.58 -9.13
C GLN A 86 -1.81 3.22 -8.35
N ILE A 87 -1.67 4.50 -7.98
CA ILE A 87 -2.77 5.17 -7.28
C ILE A 87 -3.81 5.69 -8.29
N VAL A 88 -5.08 5.38 -8.04
CA VAL A 88 -6.19 5.88 -8.86
C VAL A 88 -7.27 6.47 -7.94
N LEU A 89 -8.25 7.15 -8.54
CA LEU A 89 -9.37 7.73 -7.76
C LEU A 89 -10.58 6.92 -8.19
N ALA A 90 -11.09 6.10 -7.30
CA ALA A 90 -12.18 5.17 -7.60
C ALA A 90 -13.55 5.64 -7.11
N TYR A 91 -14.60 5.10 -7.72
CA TYR A 91 -15.96 5.50 -7.40
C TYR A 91 -16.96 4.53 -7.97
N ARG A 92 -18.23 4.75 -7.66
CA ARG A 92 -19.34 3.91 -8.16
C ARG A 92 -20.00 4.74 -9.24
N ASN A 93 -20.77 4.11 -10.11
CA ASN A 93 -21.41 4.87 -11.14
C ASN A 93 -22.53 5.77 -10.65
N ASP A 94 -22.97 5.55 -9.42
CA ASP A 94 -23.99 6.43 -8.86
C ASP A 94 -23.35 7.37 -7.83
N SER A 95 -22.02 7.44 -7.82
CA SER A 95 -21.33 8.39 -6.94
C SER A 95 -21.66 9.80 -7.46
N ARG A 96 -21.68 10.79 -6.57
CA ARG A 96 -21.98 12.14 -6.99
C ARG A 96 -21.06 12.59 -8.14
N TYR A 97 -21.67 13.05 -9.24
CA TYR A 97 -20.96 13.53 -10.42
C TYR A 97 -20.11 12.51 -11.15
N ALA A 98 -20.41 11.23 -10.95
CA ALA A 98 -19.64 10.17 -11.62
C ALA A 98 -19.72 10.33 -13.14
N ASP A 99 -20.85 10.79 -13.64
CA ASP A 99 -21.01 10.97 -15.08
C ASP A 99 -20.11 12.05 -15.67
N GLU A 100 -19.61 12.97 -14.86
CA GLU A 100 -18.78 14.02 -15.41
C GLU A 100 -17.31 14.00 -15.06
N ILE A 101 -16.91 13.18 -14.10
CA ILE A 101 -15.50 13.17 -13.73
C ILE A 101 -14.59 12.49 -14.74
N ASN A 102 -13.42 13.07 -14.92
CA ASN A 102 -12.43 12.52 -15.82
C ASN A 102 -11.04 12.91 -15.36
N SER A 103 -10.02 12.52 -16.11
CA SER A 103 -8.64 12.80 -15.73
C SER A 103 -8.26 14.28 -15.71
N GLN A 104 -9.05 15.13 -16.34
CA GLN A 104 -8.71 16.55 -16.36
C GLN A 104 -9.39 17.36 -15.26
N ASN A 105 -10.55 16.91 -14.81
CA ASN A 105 -11.31 17.65 -13.80
C ASN A 105 -11.47 16.98 -12.46
N TRP A 106 -10.79 15.85 -12.23
CA TRP A 106 -11.01 15.14 -10.98
C TRP A 106 -10.90 15.95 -9.69
N TYR A 107 -9.88 16.80 -9.58
CA TYR A 107 -9.74 17.54 -8.34
C TYR A 107 -10.79 18.63 -8.19
N GLU A 108 -11.35 19.12 -9.29
CA GLU A 108 -12.40 20.13 -9.19
C GLU A 108 -13.69 19.48 -8.68
N ILE A 109 -13.95 18.25 -9.12
CA ILE A 109 -15.13 17.51 -8.68
C ILE A 109 -15.00 17.23 -7.17
N LEU A 110 -13.80 16.85 -6.72
CA LEU A 110 -13.61 16.55 -5.29
C LEU A 110 -13.77 17.81 -4.45
N LYS A 111 -13.56 18.98 -5.07
CA LYS A 111 -13.70 20.25 -4.37
C LYS A 111 -15.16 20.68 -4.18
N ARG A 112 -16.09 20.02 -4.88
CA ARG A 112 -17.51 20.38 -4.74
C ARG A 112 -17.98 20.09 -3.32
N PRO A 113 -18.68 21.05 -2.71
CA PRO A 113 -19.18 20.92 -1.34
C PRO A 113 -19.89 19.65 -0.88
N ASP A 114 -20.63 19.01 -1.78
CA ASP A 114 -21.36 17.82 -1.39
C ASP A 114 -20.62 16.52 -1.63
N VAL A 115 -19.45 16.63 -2.25
CA VAL A 115 -18.67 15.42 -2.55
C VAL A 115 -17.80 14.97 -1.35
N ARG A 116 -17.91 13.70 -0.99
CA ARG A 116 -17.13 13.16 0.13
C ARG A 116 -16.13 12.14 -0.41
N PHE A 117 -14.90 12.17 0.08
CA PHE A 117 -13.90 11.22 -0.43
C PHE A 117 -13.10 10.66 0.72
N GLY A 118 -12.39 9.58 0.46
CA GLY A 118 -11.64 8.97 1.53
C GLY A 118 -10.24 8.55 1.16
N PHE A 119 -9.45 8.39 2.21
CA PHE A 119 -8.08 7.88 2.11
C PHE A 119 -7.80 7.23 3.46
N SER A 120 -6.83 6.32 3.51
CA SER A 120 -6.53 5.66 4.77
C SER A 120 -5.51 6.43 5.62
N ASN A 121 -5.35 5.98 6.84
CA ASN A 121 -4.46 6.64 7.81
C ASN A 121 -3.00 6.47 7.42
N PRO A 122 -2.30 7.56 7.05
CA PRO A 122 -0.90 7.46 6.66
C PRO A 122 0.01 6.81 7.69
N ASN A 123 -0.36 6.95 8.97
CA ASN A 123 0.48 6.37 10.02
C ASN A 123 0.43 4.84 10.01
N ASP A 124 -0.63 4.28 9.42
CA ASP A 124 -0.80 2.83 9.41
C ASP A 124 -0.66 2.19 8.04
N ASP A 125 -0.85 2.98 6.99
CA ASP A 125 -0.97 2.40 5.67
C ASP A 125 -0.35 3.18 4.53
N PRO A 126 0.51 2.52 3.74
CA PRO A 126 1.13 3.21 2.61
C PRO A 126 0.09 3.82 1.66
N CYS A 127 -1.06 3.17 1.46
CA CYS A 127 -2.01 3.75 0.52
C CYS A 127 -2.40 5.17 0.98
N GLY A 128 -2.51 5.32 2.30
CA GLY A 128 -2.88 6.61 2.89
C GLY A 128 -1.80 7.67 2.67
N TYR A 129 -0.55 7.35 3.00
CA TYR A 129 0.44 8.39 2.73
C TYR A 129 0.66 8.64 1.25
N ARG A 130 0.49 7.59 0.44
CA ARG A 130 0.61 7.72 -1.00
C ARG A 130 -0.50 8.58 -1.57
N SER A 131 -1.69 8.50 -0.98
CA SER A 131 -2.82 9.33 -1.43
C SER A 131 -2.47 10.81 -1.19
N LEU A 132 -1.96 11.14 -0.01
CA LEU A 132 -1.58 12.54 0.22
C LEU A 132 -0.43 12.97 -0.70
N MET A 133 0.53 12.08 -0.92
CA MET A 133 1.64 12.38 -1.82
C MET A 133 1.12 12.68 -3.22
N ALA A 134 0.17 11.87 -3.70
CA ALA A 134 -0.37 12.09 -5.03
C ALA A 134 -1.06 13.43 -5.16
N ILE A 135 -1.82 13.81 -4.14
CA ILE A 135 -2.52 15.11 -4.19
C ILE A 135 -1.51 16.25 -4.17
N GLN A 136 -0.45 16.13 -3.38
CA GLN A 136 0.56 17.18 -3.37
C GLN A 136 1.32 17.20 -4.70
N LEU A 137 1.60 16.03 -5.27
CA LEU A 137 2.31 16.00 -6.54
C LEU A 137 1.46 16.65 -7.64
N ALA A 138 0.14 16.63 -7.46
CA ALA A 138 -0.80 17.24 -8.40
C ALA A 138 -0.57 18.74 -8.43
N GLU A 139 -0.19 19.34 -7.30
CA GLU A 139 0.08 20.79 -7.29
C GLU A 139 1.21 21.11 -8.26
N LEU A 140 2.23 20.25 -8.29
CA LEU A 140 3.33 20.48 -9.20
C LEU A 140 2.95 20.22 -10.65
N TYR A 141 2.26 19.11 -10.89
CA TYR A 141 1.89 18.75 -12.24
C TYR A 141 0.94 19.74 -12.89
N TYR A 142 -0.11 20.12 -12.18
CA TYR A 142 -1.11 21.06 -12.69
C TYR A 142 -0.72 22.52 -12.44
N ASN A 143 0.42 22.74 -11.81
CA ASN A 143 0.90 24.10 -11.53
C ASN A 143 -0.19 24.87 -10.77
N ASP A 144 -0.74 24.24 -9.74
CA ASP A 144 -1.79 24.85 -8.95
C ASP A 144 -1.45 24.59 -7.49
N PRO A 145 -0.81 25.55 -6.81
CA PRO A 145 -0.43 25.38 -5.40
C PRO A 145 -1.54 25.22 -4.36
N THR A 146 -2.80 25.25 -4.79
CA THR A 146 -3.91 25.14 -3.83
C THR A 146 -4.68 23.83 -3.81
N ILE A 147 -4.31 22.88 -4.65
CA ILE A 147 -5.05 21.63 -4.70
C ILE A 147 -5.02 20.87 -3.38
N PHE A 148 -3.83 20.69 -2.81
CA PHE A 148 -3.77 19.98 -1.53
C PHE A 148 -4.42 20.82 -0.43
N ASP A 149 -4.19 22.13 -0.49
CA ASP A 149 -4.76 23.02 0.52
C ASP A 149 -6.29 22.98 0.54
N GLU A 150 -6.90 23.01 -0.64
CA GLU A 150 -8.35 22.99 -0.70
C GLU A 150 -8.97 21.64 -0.40
N LEU A 151 -8.31 20.56 -0.83
CA LEU A 151 -8.89 19.25 -0.62
C LEU A 151 -8.63 18.66 0.74
N VAL A 152 -7.39 18.79 1.18
CA VAL A 152 -7.00 18.16 2.43
C VAL A 152 -6.69 19.09 3.60
N ALA A 153 -5.81 20.06 3.39
CA ALA A 153 -5.43 20.93 4.50
C ALA A 153 -6.62 21.70 5.12
N LYS A 154 -7.60 22.10 4.31
CA LYS A 154 -8.78 22.80 4.85
C LYS A 154 -9.83 21.87 5.45
N ASN A 155 -9.61 20.56 5.32
CA ASN A 155 -10.54 19.56 5.84
C ASN A 155 -9.88 18.62 6.84
N SER A 156 -8.76 19.05 7.40
CA SER A 156 -8.02 18.24 8.37
C SER A 156 -6.89 19.07 8.97
N ASN A 157 -6.09 18.44 9.83
CA ASN A 157 -4.91 19.11 10.36
C ASN A 157 -3.65 18.54 9.73
N LEU A 158 -3.78 18.08 8.48
CA LEU A 158 -2.65 17.54 7.72
C LEU A 158 -2.23 18.59 6.71
N ARG A 159 -0.95 18.99 6.75
CA ARG A 159 -0.48 20.04 5.87
C ARG A 159 0.95 19.83 5.38
N PHE A 160 1.16 20.09 4.09
CA PHE A 160 2.49 20.02 3.50
C PHE A 160 3.16 21.38 3.62
N SER A 161 4.46 21.36 3.90
CA SER A 161 5.29 22.55 4.01
C SER A 161 6.32 22.43 2.92
N GLU A 162 6.79 23.56 2.41
CA GLU A 162 7.79 23.52 1.36
C GLU A 162 9.17 23.78 1.95
N ASP A 163 10.15 23.00 1.53
CA ASP A 163 11.52 23.20 2.00
C ASP A 163 12.51 23.09 0.84
N ASN A 164 12.67 24.18 0.10
CA ASN A 164 13.62 24.19 -1.02
C ASN A 164 13.23 23.17 -2.09
N GLY A 165 12.10 23.41 -2.76
CA GLY A 165 11.67 22.51 -3.81
C GLY A 165 10.89 21.29 -3.35
N SER A 166 11.39 20.57 -2.34
CA SER A 166 10.65 19.41 -1.83
C SER A 166 9.57 19.85 -0.86
N TYR A 167 8.63 18.96 -0.57
CA TYR A 167 7.53 19.26 0.33
C TYR A 167 7.50 18.16 1.37
N VAL A 168 7.14 18.53 2.59
CA VAL A 168 7.11 17.59 3.69
C VAL A 168 5.84 17.75 4.50
N LEU A 169 5.26 16.63 4.88
CA LEU A 169 4.07 16.63 5.71
C LEU A 169 4.40 15.82 6.94
N ARG A 170 4.28 16.43 8.13
CA ARG A 170 4.54 15.68 9.35
C ARG A 170 3.21 15.27 9.95
N MET A 171 3.04 13.97 10.13
CA MET A 171 1.80 13.45 10.69
C MET A 171 1.65 13.63 12.17
N PRO A 172 0.42 13.94 12.62
CA PRO A 172 0.13 14.07 14.04
C PRO A 172 0.03 12.60 14.45
N SER A 173 0.13 12.31 15.75
CA SER A 173 -0.10 10.94 16.18
C SER A 173 -1.53 10.60 15.70
N SER A 174 -1.83 9.31 15.52
CA SER A 174 -3.16 8.94 15.03
C SER A 174 -4.29 9.50 15.88
N GLU A 175 -4.09 9.48 17.19
CA GLU A 175 -5.11 10.00 18.11
C GLU A 175 -5.37 11.48 17.93
N ARG A 176 -4.38 12.22 17.40
CA ARG A 176 -4.51 13.66 17.20
C ARG A 176 -4.87 14.06 15.77
N ILE A 177 -5.08 13.09 14.89
CA ILE A 177 -5.50 13.45 13.55
C ILE A 177 -6.92 14.01 13.62
N GLU A 178 -7.13 15.15 12.97
CA GLU A 178 -8.42 15.81 12.91
C GLU A 178 -8.90 15.79 11.47
N ILE A 179 -10.13 15.32 11.28
CA ILE A 179 -10.74 15.22 9.93
C ILE A 179 -12.11 15.90 9.90
N ASN A 180 -12.39 16.63 8.83
CA ASN A 180 -13.71 17.26 8.67
C ASN A 180 -14.64 16.18 8.11
N LYS A 181 -15.47 15.63 8.98
CA LYS A 181 -16.38 14.54 8.62
C LYS A 181 -17.36 14.89 7.51
N SER A 182 -17.49 16.17 7.18
CA SER A 182 -18.41 16.60 6.11
C SER A 182 -17.82 16.36 4.73
N LYS A 183 -16.51 16.18 4.67
CA LYS A 183 -15.84 16.02 3.41
C LYS A 183 -15.00 14.77 3.27
N ILE A 184 -14.42 14.34 4.38
CA ILE A 184 -13.50 13.21 4.34
C ILE A 184 -13.78 12.14 5.39
N MET A 185 -13.51 10.88 5.02
CA MET A 185 -13.58 9.78 5.97
C MET A 185 -12.23 9.06 5.84
N ILE A 186 -11.65 8.64 6.97
CA ILE A 186 -10.40 7.88 6.94
C ILE A 186 -10.60 6.61 7.74
N ARG A 187 -9.82 5.57 7.41
CA ARG A 187 -9.88 4.30 8.14
C ARG A 187 -8.43 3.85 8.24
N SER A 188 -8.16 2.91 9.14
CA SER A 188 -6.79 2.44 9.37
C SER A 188 -6.15 1.92 8.09
N MET A 189 -6.89 1.14 7.29
CA MET A 189 -6.30 0.68 6.02
C MET A 189 -7.27 0.96 4.90
N GLU A 190 -6.74 1.06 3.70
CA GLU A 190 -7.53 1.40 2.54
C GLU A 190 -8.67 0.43 2.26
N MET A 191 -8.48 -0.87 2.57
CA MET A 191 -9.53 -1.86 2.29
C MET A 191 -10.80 -1.55 3.07
N GLU A 192 -10.63 -0.90 4.22
CA GLU A 192 -11.79 -0.55 5.06
C GLU A 192 -12.65 0.53 4.44
N LEU A 193 -12.10 1.28 3.48
CA LEU A 193 -12.85 2.34 2.80
C LEU A 193 -13.85 1.77 1.79
N ILE A 194 -13.58 0.55 1.35
CA ILE A 194 -14.43 -0.08 0.35
C ILE A 194 -15.91 -0.10 0.76
N HIS A 195 -16.21 -0.55 1.97
CA HIS A 195 -17.62 -0.59 2.34
C HIS A 195 -18.26 0.79 2.46
N LEU A 196 -17.46 1.81 2.74
CA LEU A 196 -17.98 3.18 2.85
C LEU A 196 -18.37 3.71 1.48
N VAL A 197 -17.63 3.32 0.45
CA VAL A 197 -17.98 3.75 -0.86
C VAL A 197 -19.17 2.92 -1.33
N GLU A 198 -19.19 1.62 -1.00
CA GLU A 198 -20.31 0.79 -1.43
C GLU A 198 -21.64 1.21 -0.78
N SER A 199 -21.59 1.71 0.44
CA SER A 199 -22.82 2.12 1.13
C SER A 199 -23.29 3.51 0.74
N GLY A 200 -22.49 4.23 -0.04
CA GLY A 200 -22.86 5.58 -0.43
C GLY A 200 -22.33 6.64 0.53
N GLU A 201 -21.71 6.23 1.65
CA GLU A 201 -21.15 7.20 2.59
C GLU A 201 -20.05 8.05 1.95
N LEU A 202 -19.31 7.45 1.02
CA LEU A 202 -18.27 8.18 0.30
C LEU A 202 -18.59 8.10 -1.18
N ASP A 203 -18.22 9.14 -1.90
CA ASP A 203 -18.41 9.18 -3.35
C ASP A 203 -17.16 8.66 -4.06
N TYR A 204 -15.99 9.03 -3.53
CA TYR A 204 -14.73 8.67 -4.17
C TYR A 204 -13.71 8.24 -3.13
N PHE A 205 -12.73 7.45 -3.55
CA PHE A 205 -11.62 7.14 -2.64
C PHE A 205 -10.35 6.91 -3.41
N PHE A 206 -9.21 7.31 -2.80
CA PHE A 206 -7.89 7.08 -3.38
C PHE A 206 -7.54 5.65 -3.02
N ILE A 207 -7.11 4.90 -4.03
CA ILE A 207 -6.90 3.47 -3.84
C ILE A 207 -6.00 2.93 -4.91
N TYR A 208 -5.45 1.74 -4.69
CA TYR A 208 -4.65 1.10 -5.74
C TYR A 208 -5.52 0.64 -6.89
N LYS A 209 -4.97 0.73 -8.10
CA LYS A 209 -5.70 0.27 -9.29
C LYS A 209 -6.10 -1.21 -9.15
N SER A 210 -5.24 -2.05 -8.60
CA SER A 210 -5.59 -3.47 -8.50
C SER A 210 -6.82 -3.70 -7.64
N VAL A 211 -6.94 -2.97 -6.54
CA VAL A 211 -8.07 -3.13 -5.63
C VAL A 211 -9.33 -2.58 -6.29
N ALA A 212 -9.20 -1.47 -7.02
CA ALA A 212 -10.37 -0.91 -7.72
C ALA A 212 -10.91 -1.98 -8.69
N LYS A 213 -10.01 -2.63 -9.42
CA LYS A 213 -10.45 -3.67 -10.36
C LYS A 213 -11.05 -4.89 -9.67
N GLN A 214 -10.42 -5.33 -8.59
CA GLN A 214 -10.90 -6.49 -7.88
C GLN A 214 -12.30 -6.31 -7.32
N HIS A 215 -12.59 -5.08 -6.87
CA HIS A 215 -13.86 -4.80 -6.24
C HIS A 215 -14.90 -4.15 -7.12
N GLY A 216 -14.60 -4.04 -8.40
CA GLY A 216 -15.61 -3.52 -9.34
C GLY A 216 -15.91 -2.05 -9.29
N PHE A 217 -14.90 -1.26 -8.96
CA PHE A 217 -15.06 0.19 -8.95
C PHE A 217 -14.59 0.80 -10.24
N ASN A 218 -15.26 1.87 -10.65
CA ASN A 218 -14.82 2.61 -11.80
C ASN A 218 -13.67 3.46 -11.24
N PHE A 219 -12.84 4.04 -12.09
CA PHE A 219 -11.79 4.93 -11.60
C PHE A 219 -11.22 5.85 -12.64
N VAL A 220 -10.68 6.96 -12.13
CA VAL A 220 -9.99 7.95 -12.94
C VAL A 220 -8.51 7.60 -12.88
N GLU A 221 -7.87 7.47 -14.03
CA GLU A 221 -6.42 7.25 -14.06
C GLU A 221 -5.78 8.63 -13.85
N LEU A 222 -4.89 8.73 -12.87
CA LEU A 222 -4.24 10.00 -12.59
C LEU A 222 -2.95 10.08 -13.39
N PRO A 223 -2.41 11.27 -13.64
CA PRO A 223 -1.17 11.40 -14.40
C PRO A 223 -0.03 10.52 -13.84
N VAL A 224 0.78 9.96 -14.73
CA VAL A 224 1.90 9.17 -14.26
C VAL A 224 2.84 10.04 -13.41
N GLU A 225 2.80 11.35 -13.63
CA GLU A 225 3.63 12.27 -12.86
C GLU A 225 3.23 12.36 -11.39
N ILE A 226 2.04 11.86 -11.05
CA ILE A 226 1.60 11.93 -9.65
C ILE A 226 1.13 10.60 -9.09
N ASP A 227 0.99 9.57 -9.92
CA ASP A 227 0.39 8.32 -9.42
C ASP A 227 1.28 7.25 -8.83
N LEU A 228 2.56 7.59 -8.71
CA LEU A 228 3.60 6.75 -8.09
C LEU A 228 3.79 5.40 -8.72
N SER A 229 3.40 5.25 -9.99
CA SER A 229 3.48 3.94 -10.60
C SER A 229 4.74 3.59 -11.37
N SER A 230 5.44 4.60 -11.88
CA SER A 230 6.56 4.32 -12.76
C SER A 230 7.95 4.63 -12.26
N PRO A 231 8.87 3.67 -12.41
CA PRO A 231 10.25 3.86 -11.97
C PRO A 231 10.89 5.07 -12.69
N ASP A 232 10.42 5.34 -13.91
CA ASP A 232 10.94 6.43 -14.70
C ASP A 232 10.61 7.83 -14.18
N TYR A 233 9.69 7.89 -13.23
CA TYR A 233 9.32 9.19 -12.67
C TYR A 233 9.72 9.30 -11.22
N ALA A 234 10.64 8.44 -10.79
CA ALA A 234 11.13 8.48 -9.41
C ALA A 234 11.62 9.88 -9.01
N GLU A 235 12.27 10.57 -9.94
CA GLU A 235 12.78 11.93 -9.66
C GLU A 235 11.68 12.92 -9.33
N LEU A 236 10.49 12.73 -9.89
CA LEU A 236 9.38 13.63 -9.59
C LEU A 236 8.72 13.21 -8.28
N TYR A 237 8.56 11.91 -8.09
CA TYR A 237 7.90 11.42 -6.88
C TYR A 237 8.67 11.80 -5.63
N SER A 238 10.00 11.85 -5.73
CA SER A 238 10.84 12.13 -4.58
C SER A 238 10.68 13.53 -4.02
N LYS A 239 9.92 14.37 -4.71
CA LYS A 239 9.68 15.75 -4.27
C LYS A 239 8.75 15.86 -3.07
N VAL A 240 8.13 14.75 -2.70
CA VAL A 240 7.24 14.77 -1.54
C VAL A 240 7.67 13.73 -0.51
N LYS A 241 7.49 14.09 0.76
CA LYS A 241 7.85 13.23 1.87
C LYS A 241 6.83 13.37 2.97
N VAL A 242 6.58 12.27 3.66
CA VAL A 242 5.65 12.26 4.79
C VAL A 242 6.39 11.67 5.98
N VAL A 243 6.32 12.34 7.13
CA VAL A 243 6.97 11.82 8.32
C VAL A 243 5.85 11.22 9.14
N LEU A 244 5.90 9.90 9.32
CA LEU A 244 4.88 9.18 10.05
C LEU A 244 5.01 9.50 11.55
N ALA A 245 3.93 9.23 12.30
CA ALA A 245 3.95 9.53 13.72
C ALA A 245 5.03 8.78 14.47
N ASN A 246 5.42 7.61 13.96
CA ASN A 246 6.46 6.83 14.63
C ASN A 246 7.84 7.40 14.34
N GLY A 247 7.88 8.53 13.64
CA GLY A 247 9.12 9.19 13.32
C GLY A 247 9.83 8.80 12.04
N LYS A 248 9.35 7.75 11.38
CA LYS A 248 9.97 7.30 10.13
C LYS A 248 9.54 8.19 8.96
N GLU A 249 10.49 8.51 8.10
CA GLU A 249 10.23 9.33 6.94
C GLU A 249 10.05 8.47 5.69
N VAL A 250 8.95 8.69 4.97
CA VAL A 250 8.74 7.96 3.72
C VAL A 250 8.70 8.99 2.61
N THR A 251 9.43 8.70 1.55
CA THR A 251 9.54 9.59 0.40
C THR A 251 8.72 9.04 -0.76
N GLY A 252 8.17 9.93 -1.58
CA GLY A 252 7.41 9.48 -2.75
C GLY A 252 8.35 8.64 -3.60
N LYS A 253 7.92 7.42 -3.94
CA LYS A 253 8.73 6.51 -4.70
C LYS A 253 7.81 5.64 -5.53
N PRO A 254 8.34 5.04 -6.59
CA PRO A 254 7.50 4.16 -7.41
C PRO A 254 7.01 3.06 -6.47
N ILE A 255 5.73 2.68 -6.58
CA ILE A 255 5.16 1.68 -5.71
C ILE A 255 5.75 0.30 -5.94
N VAL A 256 6.42 -0.24 -4.91
CA VAL A 256 7.04 -1.56 -4.97
C VAL A 256 6.76 -2.28 -3.65
N TYR A 257 6.13 -3.45 -3.75
CA TYR A 257 5.76 -4.27 -2.60
C TYR A 257 6.93 -5.12 -2.16
N GLY A 258 7.05 -5.28 -0.84
CA GLY A 258 8.15 -6.09 -0.32
C GLY A 258 7.69 -7.26 0.51
N ILE A 259 8.54 -8.28 0.62
CA ILE A 259 8.20 -9.43 1.44
C ILE A 259 9.47 -9.89 2.17
N THR A 260 9.32 -10.35 3.40
CA THR A 260 10.47 -10.86 4.14
C THR A 260 10.01 -11.94 5.10
N ILE A 261 11.00 -12.65 5.65
CA ILE A 261 10.75 -13.68 6.66
C ILE A 261 11.41 -13.10 7.91
N PRO A 262 10.63 -12.72 8.94
CA PRO A 262 11.20 -12.15 10.17
C PRO A 262 12.27 -13.05 10.78
N LYS A 263 13.25 -12.44 11.42
CA LYS A 263 14.32 -13.23 12.03
C LYS A 263 13.79 -14.18 13.08
N ASN A 264 12.70 -13.83 13.73
CA ASN A 264 12.15 -14.72 14.76
C ASN A 264 11.01 -15.63 14.32
N ALA A 265 10.88 -15.84 13.01
CA ALA A 265 9.85 -16.73 12.46
C ALA A 265 9.95 -18.14 13.04
N GLU A 266 8.81 -18.67 13.43
CA GLU A 266 8.76 -20.02 13.99
C GLU A 266 8.86 -21.14 12.96
N ASN A 267 8.46 -20.89 11.71
CA ASN A 267 8.51 -21.91 10.67
C ASN A 267 9.20 -21.38 9.43
N ARG A 268 10.49 -21.09 9.58
N ARG A 268 10.50 -21.09 9.58
CA ARG A 268 11.30 -20.52 8.51
CA ARG A 268 11.29 -20.52 8.50
C ARG A 268 11.32 -21.33 7.23
C ARG A 268 11.35 -21.34 7.23
N GLU A 269 11.50 -22.65 7.35
CA GLU A 269 11.58 -23.51 6.17
C GLU A 269 10.33 -23.39 5.31
N LEU A 270 9.16 -23.47 5.93
CA LEU A 270 7.92 -23.31 5.18
C LEU A 270 7.77 -21.88 4.66
N ALA A 271 8.23 -20.89 5.44
CA ALA A 271 8.15 -19.51 5.01
C ALA A 271 8.98 -19.31 3.73
N VAL A 272 10.15 -19.97 3.64
CA VAL A 272 10.95 -19.87 2.43
C VAL A 272 10.18 -20.40 1.23
N GLU A 273 9.49 -21.52 1.43
CA GLU A 273 8.67 -22.09 0.36
C GLU A 273 7.54 -21.16 -0.08
N PHE A 274 6.95 -20.47 0.89
CA PHE A 274 5.88 -19.55 0.58
C PHE A 274 6.38 -18.34 -0.22
N VAL A 275 7.52 -17.78 0.22
CA VAL A 275 8.08 -16.65 -0.51
C VAL A 275 8.45 -17.11 -1.91
N LYS A 276 8.98 -18.33 -2.03
CA LYS A 276 9.32 -18.84 -3.37
C LYS A 276 8.08 -18.87 -4.27
N LEU A 277 6.95 -19.30 -3.72
CA LEU A 277 5.70 -19.32 -4.48
C LEU A 277 5.33 -17.91 -4.94
N VAL A 278 5.38 -16.94 -4.03
CA VAL A 278 5.01 -15.58 -4.37
C VAL A 278 5.83 -14.98 -5.51
N ILE A 279 7.14 -15.28 -5.56
CA ILE A 279 7.99 -14.72 -6.61
C ILE A 279 8.27 -15.66 -7.79
N SER A 280 7.59 -16.80 -7.82
CA SER A 280 7.71 -17.77 -8.92
C SER A 280 6.79 -17.34 -10.06
N GLU A 281 6.88 -18.01 -11.20
CA GLU A 281 6.01 -17.66 -12.34
C GLU A 281 4.56 -17.84 -11.92
N GLU A 282 4.28 -18.86 -11.12
CA GLU A 282 2.91 -19.12 -10.64
C GLU A 282 2.42 -17.94 -9.81
N GLY A 283 3.26 -17.43 -8.92
CA GLY A 283 2.83 -16.29 -8.11
C GLY A 283 2.69 -15.01 -8.91
N GLN A 284 3.56 -14.84 -9.92
CA GLN A 284 3.51 -13.67 -10.78
C GLN A 284 2.18 -13.68 -11.53
N GLU A 285 1.77 -14.87 -11.96
CA GLU A 285 0.51 -15.01 -12.70
C GLU A 285 -0.68 -14.75 -11.80
N ILE A 286 -0.62 -15.23 -10.56
CA ILE A 286 -1.69 -14.99 -9.59
C ILE A 286 -1.90 -13.48 -9.45
N LEU A 287 -0.80 -12.74 -9.30
CA LEU A 287 -0.91 -11.31 -9.18
C LEU A 287 -1.49 -10.67 -10.43
N ARG A 288 -0.95 -11.03 -11.59
N ARG A 288 -0.95 -11.03 -11.59
CA ARG A 288 -1.41 -10.43 -12.85
CA ARG A 288 -1.41 -10.43 -12.85
C ARG A 288 -2.91 -10.68 -13.07
C ARG A 288 -2.91 -10.68 -13.07
N GLU A 289 -3.35 -11.90 -12.82
CA GLU A 289 -4.77 -12.28 -13.00
C GLU A 289 -5.70 -11.52 -12.06
N LEU A 290 -5.14 -11.02 -10.96
CA LEU A 290 -5.92 -10.24 -9.98
C LEU A 290 -5.74 -8.74 -10.19
N GLY A 291 -5.19 -8.38 -11.35
CA GLY A 291 -5.01 -6.98 -11.71
C GLY A 291 -3.87 -6.22 -11.08
N GLN A 292 -2.86 -6.94 -10.60
CA GLN A 292 -1.71 -6.29 -10.00
C GLN A 292 -0.46 -6.74 -10.75
N GLU A 293 0.33 -5.77 -11.19
CA GLU A 293 1.54 -6.10 -11.91
C GLU A 293 2.65 -6.66 -11.05
N PRO A 294 3.14 -7.87 -11.37
CA PRO A 294 4.22 -8.45 -10.56
C PRO A 294 5.51 -7.77 -11.00
N LEU A 295 6.51 -7.81 -10.14
CA LEU A 295 7.82 -7.25 -10.48
C LEU A 295 8.61 -8.43 -11.02
N VAL A 296 8.95 -8.35 -12.31
CA VAL A 296 9.64 -9.46 -12.94
C VAL A 296 10.88 -8.93 -13.64
N PRO A 297 12.06 -9.41 -13.24
CA PRO A 297 12.26 -10.42 -12.18
C PRO A 297 12.18 -9.80 -10.80
N PRO A 298 11.93 -10.64 -9.77
CA PRO A 298 11.87 -10.08 -8.41
C PRO A 298 13.30 -9.64 -8.06
N ARG A 299 13.39 -8.69 -7.14
CA ARG A 299 14.70 -8.14 -6.75
C ARG A 299 14.81 -8.28 -5.25
N ALA A 300 16.02 -8.17 -4.74
CA ALA A 300 16.24 -8.21 -3.30
C ALA A 300 17.17 -7.04 -2.99
N ASP A 301 17.07 -6.47 -1.79
CA ASP A 301 17.91 -5.34 -1.43
C ASP A 301 19.30 -5.74 -0.95
N THR A 302 19.53 -7.03 -0.83
CA THR A 302 20.78 -7.60 -0.37
C THR A 302 20.75 -9.09 -0.67
N ALA A 303 21.89 -9.75 -0.56
CA ALA A 303 21.92 -11.17 -0.86
C ALA A 303 20.95 -11.94 0.03
N VAL A 304 20.27 -12.92 -0.55
CA VAL A 304 19.35 -13.81 0.18
C VAL A 304 19.68 -15.24 -0.27
N PRO A 305 20.80 -15.78 0.24
CA PRO A 305 21.29 -17.13 -0.07
C PRO A 305 20.25 -18.24 -0.23
N SER A 306 19.33 -18.36 0.71
CA SER A 306 18.28 -19.38 0.60
C SER A 306 17.34 -19.19 -0.61
N LEU A 307 17.48 -18.08 -1.33
CA LEU A 307 16.62 -17.78 -2.49
C LEU A 307 17.41 -17.15 -3.65
N LYS A 308 18.73 -17.29 -3.61
CA LYS A 308 19.63 -16.72 -4.62
C LYS A 308 19.24 -16.88 -6.09
N ALA A 309 18.76 -18.07 -6.46
CA ALA A 309 18.41 -18.35 -7.84
C ALA A 309 17.10 -17.71 -8.32
N MET A 310 16.29 -17.25 -7.38
CA MET A 310 15.01 -16.64 -7.71
C MET A 310 15.06 -15.12 -7.83
N VAL A 311 16.09 -14.50 -7.26
CA VAL A 311 16.15 -13.04 -7.26
C VAL A 311 17.35 -12.36 -7.88
N GLU A 312 17.13 -11.11 -8.29
CA GLU A 312 18.20 -10.30 -8.85
C GLU A 312 18.67 -9.38 -7.72
N VAL A 313 19.94 -9.48 -7.36
CA VAL A 313 20.48 -8.64 -6.31
C VAL A 313 21.51 -7.72 -6.93
N SER A 314 21.27 -6.42 -6.83
CA SER A 314 22.19 -5.44 -7.39
C SER A 314 23.10 -4.96 -6.26
#